data_5L3Z
#
_entry.id   5L3Z
#
_cell.length_a   52.230
_cell.length_b   52.230
_cell.length_c   214.000
_cell.angle_alpha   90.000
_cell.angle_beta   90.000
_cell.angle_gamma   90.000
#
_symmetry.space_group_name_H-M   'P 41 21 2'
#
loop_
_entity.id
_entity.type
_entity.pdbx_description
1 polymer 'polyketide ketoreductase SimC7'
2 non-polymer 'NADP NICOTINAMIDE-ADENINE-DINUCLEOTIDE PHOSPHATE'
3 water water
#
_entity_poly.entity_id   1
_entity_poly.type   'polypeptide(L)'
_entity_poly.pdbx_seq_one_letter_code
;MGSSHHHHHHSSGLVPRGSHMKILVTGARGSIGSRVAGKLVERGLPVRGGVRDLAAPGLPEGVEAVQADLTRPETLARAL
EGVDKVFLYTVPEGIAGFVDEARAAGVRHVVLLSSIAVTWPDADRDPIGRMHLAVERPIEESGLGWTFVRPEALATNALG
WAPEIRGGDMVRCAYPGAYTTPVHEEDIADVVVAALTTPGHRSAAYALTGPETLTQAEQVALIGEALGRAVRCERMPEQE
ARAVLEGLYPAEVVDAILAGQAARDGRPAEVLDTIRAVTGRPARTFREWAGDHVAAFRPAAQSI
;
_entity_poly.pdbx_strand_id   A
#
# COMPACT_ATOMS: atom_id res chain seq x y z
N MET A 21 -0.43 -0.13 26.28
CA MET A 21 -1.61 0.59 25.73
C MET A 21 -1.92 0.15 24.28
N LYS A 22 -3.13 0.49 23.83
CA LYS A 22 -3.64 -0.08 22.59
C LYS A 22 -3.02 0.54 21.32
N ILE A 23 -3.00 -0.25 20.26
CA ILE A 23 -2.71 0.26 18.95
C ILE A 23 -4.00 0.20 18.15
N LEU A 24 -4.35 1.31 17.50
CA LEU A 24 -5.44 1.33 16.52
C LEU A 24 -4.91 1.13 15.12
N VAL A 25 -5.32 0.02 14.51
CA VAL A 25 -5.04 -0.23 13.11
C VAL A 25 -6.27 0.17 12.29
N THR A 26 -6.19 1.30 11.61
CA THR A 26 -7.25 1.67 10.66
C THR A 26 -7.19 0.75 9.45
N GLY A 27 -8.34 0.55 8.83
CA GLY A 27 -8.44 -0.33 7.66
C GLY A 27 -7.98 -1.74 7.95
N ALA A 28 -8.38 -2.26 9.10
CA ALA A 28 -7.94 -3.59 9.55
C ALA A 28 -8.51 -4.75 8.71
N ARG A 29 -9.48 -4.48 7.84
CA ARG A 29 -9.94 -5.45 6.84
C ARG A 29 -9.23 -5.31 5.50
N GLY A 30 -8.39 -4.28 5.34
CA GLY A 30 -7.65 -4.07 4.11
C GLY A 30 -6.49 -5.06 3.96
N SER A 31 -5.92 -5.09 2.78
CA SER A 31 -4.78 -5.97 2.44
C SER A 31 -3.61 -5.76 3.41
N ILE A 32 -3.22 -4.49 3.61
CA ILE A 32 -2.07 -4.19 4.46
C ILE A 32 -2.49 -4.14 5.92
N GLY A 33 -3.59 -3.42 6.20
CA GLY A 33 -4.11 -3.29 7.54
C GLY A 33 -4.38 -4.59 8.26
N SER A 34 -4.94 -5.58 7.55
CA SER A 34 -5.20 -6.87 8.18
C SER A 34 -3.92 -7.58 8.56
N ARG A 35 -2.87 -7.40 7.78
CA ARG A 35 -1.59 -8.04 8.09
C ARG A 35 -0.88 -7.34 9.24
N VAL A 36 -1.02 -6.01 9.33
CA VAL A 36 -0.46 -5.24 10.44
C VAL A 36 -1.13 -5.72 11.71
N ALA A 37 -2.46 -5.72 11.71
CA ALA A 37 -3.26 -6.20 12.86
C ALA A 37 -2.90 -7.63 13.30
N GLY A 38 -2.82 -8.54 12.33
CA GLY A 38 -2.50 -9.93 12.62
C GLY A 38 -1.14 -10.07 13.26
N LYS A 39 -0.17 -9.35 12.73
CA LYS A 39 1.20 -9.44 13.22
C LYS A 39 1.32 -8.89 14.65
N LEU A 40 0.56 -7.84 14.95
CA LEU A 40 0.55 -7.25 16.30
C LEU A 40 -0.09 -8.19 17.32
N VAL A 41 -1.19 -8.83 16.91
CA VAL A 41 -1.85 -9.87 17.72
C VAL A 41 -0.90 -11.05 17.98
N GLU A 42 -0.17 -11.52 16.96
CA GLU A 42 0.87 -12.57 17.15
C GLU A 42 1.94 -12.17 18.19
N ARG A 43 2.21 -10.88 18.32
CA ARG A 43 3.17 -10.36 19.29
C ARG A 43 2.58 -10.12 20.69
N GLY A 44 1.30 -10.41 20.89
CA GLY A 44 0.65 -10.28 22.22
C GLY A 44 0.09 -8.91 22.52
N LEU A 45 0.07 -8.03 21.51
CA LEU A 45 -0.24 -6.62 21.74
C LEU A 45 -1.75 -6.38 21.66
N PRO A 46 -2.27 -5.42 22.48
CA PRO A 46 -3.71 -5.08 22.41
C PRO A 46 -4.00 -4.25 21.17
N VAL A 47 -4.83 -4.79 20.27
CA VAL A 47 -5.09 -4.17 19.00
C VAL A 47 -6.56 -3.88 18.85
N ARG A 48 -6.87 -2.67 18.42
CA ARG A 48 -8.19 -2.33 17.93
C ARG A 48 -8.13 -2.26 16.43
N GLY A 49 -9.05 -2.94 15.76
CA GLY A 49 -9.10 -2.95 14.32
C GLY A 49 -10.19 -2.04 13.84
N GLY A 50 -9.80 -1.01 13.11
CA GLY A 50 -10.73 0.00 12.63
C GLY A 50 -11.45 -0.46 11.39
N VAL A 51 -12.77 -0.30 11.38
CA VAL A 51 -13.61 -0.68 10.24
C VAL A 51 -14.61 0.43 9.99
N ARG A 52 -15.07 0.56 8.76
CA ARG A 52 -16.14 1.51 8.47
C ARG A 52 -17.50 0.98 8.89
N ASP A 53 -17.66 -0.36 8.83
CA ASP A 53 -18.92 -1.02 9.16
C ASP A 53 -18.65 -2.21 10.10
N LEU A 54 -19.24 -2.18 11.29
CA LEU A 54 -19.00 -3.23 12.31
C LEU A 54 -19.71 -4.54 11.96
N ALA A 55 -20.70 -4.47 11.07
CA ALA A 55 -21.43 -5.65 10.67
C ALA A 55 -20.69 -6.64 9.77
N ALA A 56 -19.65 -6.21 9.05
CA ALA A 56 -19.02 -7.01 7.99
C ALA A 56 -17.96 -7.99 8.48
N PRO A 57 -17.80 -9.17 7.81
CA PRO A 57 -16.68 -10.11 8.08
C PRO A 57 -15.32 -9.69 7.56
N GLY A 58 -14.29 -10.45 7.96
CA GLY A 58 -12.92 -10.28 7.45
C GLY A 58 -11.88 -9.75 8.43
N LEU A 59 -12.31 -9.44 9.65
CA LEU A 59 -11.38 -8.88 10.63
C LEU A 59 -10.55 -10.03 11.18
N PRO A 60 -9.21 -9.88 11.29
CA PRO A 60 -8.43 -11.00 11.83
C PRO A 60 -8.82 -11.36 13.27
N GLU A 61 -8.60 -12.60 13.66
CA GLU A 61 -8.89 -13.07 15.02
C GLU A 61 -8.07 -12.32 16.07
N GLY A 62 -8.69 -12.09 17.24
CA GLY A 62 -8.06 -11.41 18.37
C GLY A 62 -8.00 -9.89 18.32
N VAL A 63 -8.66 -9.30 17.33
CA VAL A 63 -8.69 -7.86 17.17
C VAL A 63 -10.03 -7.37 17.75
N GLU A 64 -10.01 -6.30 18.54
CA GLU A 64 -11.26 -5.68 18.99
C GLU A 64 -11.76 -4.75 17.88
N ALA A 65 -12.92 -5.04 17.32
CA ALA A 65 -13.47 -4.24 16.22
C ALA A 65 -14.04 -2.92 16.74
N VAL A 66 -13.71 -1.82 16.07
CA VAL A 66 -14.22 -0.51 16.41
C VAL A 66 -14.52 0.24 15.12
N GLN A 67 -15.59 1.01 15.14
CA GLN A 67 -15.89 1.90 14.03
C GLN A 67 -14.82 2.98 14.02
N ALA A 68 -14.17 3.16 12.89
CA ALA A 68 -13.18 4.21 12.75
C ALA A 68 -13.15 4.59 11.30
N ASP A 69 -14.06 5.47 10.92
CA ASP A 69 -14.14 5.93 9.56
C ASP A 69 -13.35 7.22 9.51
N LEU A 70 -12.25 7.19 8.76
CA LEU A 70 -11.38 8.35 8.58
C LEU A 70 -12.03 9.52 7.85
N THR A 71 -13.17 9.31 7.17
CA THR A 71 -13.92 10.38 6.48
C THR A 71 -14.95 11.02 7.38
N ARG A 72 -15.30 10.34 8.48
CA ARG A 72 -16.25 10.83 9.48
C ARG A 72 -15.51 10.87 10.83
N PRO A 73 -14.57 11.83 10.98
CA PRO A 73 -13.66 11.79 12.13
C PRO A 73 -14.28 11.97 13.54
N GLU A 74 -15.60 12.04 13.68
CA GLU A 74 -16.25 11.89 14.99
C GLU A 74 -16.31 10.44 15.49
N THR A 75 -16.11 9.47 14.60
CA THR A 75 -16.00 8.06 15.00
C THR A 75 -14.68 7.79 15.73
N LEU A 76 -13.70 8.65 15.48
CA LEU A 76 -12.35 8.46 15.96
C LEU A 76 -12.18 8.72 17.44
N ALA A 77 -13.06 9.55 18.02
CA ALA A 77 -12.96 9.88 19.43
C ALA A 77 -13.14 8.63 20.28
N ARG A 78 -14.20 7.85 19.98
CA ARG A 78 -14.42 6.55 20.63
C ARG A 78 -13.32 5.53 20.27
N ALA A 79 -12.93 5.47 19.00
CA ALA A 79 -11.91 4.52 18.54
C ALA A 79 -10.51 4.77 19.13
N LEU A 80 -10.20 6.02 19.43
CA LEU A 80 -8.89 6.40 19.96
C LEU A 80 -8.81 6.37 21.49
N GLU A 81 -9.89 6.04 22.20
CA GLU A 81 -9.84 5.94 23.66
C GLU A 81 -8.88 4.87 24.14
N GLY A 82 -7.94 5.29 24.99
CA GLY A 82 -6.89 4.41 25.50
C GLY A 82 -5.84 4.02 24.46
N VAL A 83 -5.75 4.74 23.35
CA VAL A 83 -4.84 4.42 22.26
C VAL A 83 -3.56 5.26 22.31
N ASP A 84 -2.43 4.57 22.19
CA ASP A 84 -1.08 5.20 22.17
C ASP A 84 -0.48 5.36 20.74
N LYS A 85 -0.81 4.42 19.86
CA LYS A 85 -0.26 4.40 18.51
C LYS A 85 -1.30 4.02 17.49
N VAL A 86 -1.13 4.54 16.27
CA VAL A 86 -2.08 4.38 15.19
C VAL A 86 -1.37 4.03 13.90
N PHE A 87 -1.86 2.99 13.22
CA PHE A 87 -1.56 2.81 11.80
C PHE A 87 -2.66 3.48 10.98
N LEU A 88 -2.24 4.33 10.05
CA LEU A 88 -3.12 5.21 9.29
C LEU A 88 -2.97 4.97 7.79
N TYR A 89 -4.08 4.71 7.11
CA TYR A 89 -4.16 4.79 5.66
C TYR A 89 -4.34 6.26 5.23
N THR A 90 -3.94 6.59 4.00
CA THR A 90 -4.03 7.97 3.51
C THR A 90 -5.46 8.33 3.07
N VAL A 91 -6.12 9.22 3.83
CA VAL A 91 -7.48 9.71 3.50
C VAL A 91 -7.51 11.24 3.68
N PRO A 92 -7.16 11.97 2.62
CA PRO A 92 -6.94 13.44 2.71
C PRO A 92 -8.14 14.25 3.22
N GLU A 93 -9.34 13.86 2.84
CA GLU A 93 -10.55 14.61 3.20
C GLU A 93 -10.83 14.69 4.72
N GLY A 94 -10.33 13.74 5.52
CA GLY A 94 -10.52 13.77 6.98
C GLY A 94 -9.27 13.89 7.85
N ILE A 95 -8.16 14.34 7.26
CA ILE A 95 -6.88 14.38 7.99
C ILE A 95 -6.83 15.41 9.14
N ALA A 96 -7.37 16.60 8.93
CA ALA A 96 -7.38 17.64 9.98
C ALA A 96 -8.21 17.21 11.19
N GLY A 97 -9.33 16.53 10.92
CA GLY A 97 -10.13 15.90 11.96
C GLY A 97 -9.39 14.78 12.68
N PHE A 98 -8.63 13.96 11.95
CA PHE A 98 -7.84 12.90 12.59
C PHE A 98 -6.79 13.48 13.55
N VAL A 99 -6.07 14.49 13.08
CA VAL A 99 -4.99 15.12 13.84
C VAL A 99 -5.52 15.66 15.14
N ASP A 100 -6.62 16.39 15.02
CA ASP A 100 -7.29 16.97 16.18
C ASP A 100 -7.66 15.90 17.22
N GLU A 101 -8.30 14.81 16.80
CA GLU A 101 -8.72 13.75 17.72
C GLU A 101 -7.53 12.97 18.31
N ALA A 102 -6.51 12.72 17.49
CA ALA A 102 -5.28 12.06 17.97
C ALA A 102 -4.56 12.88 19.05
N ARG A 103 -4.42 14.18 18.84
CA ARG A 103 -3.88 15.09 19.86
C ARG A 103 -4.70 15.06 21.15
N ALA A 104 -6.02 15.21 21.02
CA ALA A 104 -6.91 15.19 22.19
C ALA A 104 -6.88 13.88 22.98
N ALA A 105 -6.67 12.75 22.31
CA ALA A 105 -6.61 11.43 22.97
C ALA A 105 -5.21 11.08 23.56
N GLY A 106 -4.19 11.87 23.25
CA GLY A 106 -2.83 11.61 23.71
C GLY A 106 -2.03 10.60 22.88
N VAL A 107 -2.37 10.45 21.60
CA VAL A 107 -1.65 9.53 20.70
C VAL A 107 -0.19 9.99 20.62
N ARG A 108 0.74 9.07 20.76
CA ARG A 108 2.15 9.43 20.75
C ARG A 108 2.85 9.11 19.43
N HIS A 109 2.29 8.22 18.62
CA HIS A 109 2.96 7.84 17.41
C HIS A 109 1.98 7.37 16.34
N VAL A 110 2.10 7.93 15.14
CA VAL A 110 1.28 7.59 14.00
C VAL A 110 2.18 7.09 12.88
N VAL A 111 1.90 5.88 12.40
CA VAL A 111 2.58 5.31 11.25
C VAL A 111 1.63 5.36 10.06
N LEU A 112 2.05 6.09 9.02
CA LEU A 112 1.23 6.39 7.85
C LEU A 112 1.69 5.56 6.69
N LEU A 113 0.72 4.93 6.04
CA LEU A 113 0.93 4.28 4.76
C LEU A 113 0.77 5.35 3.69
N SER A 114 1.91 5.82 3.19
CA SER A 114 1.99 6.90 2.22
C SER A 114 2.34 6.33 0.83
N SER A 115 3.17 7.02 0.06
CA SER A 115 3.59 6.58 -1.27
C SER A 115 4.95 7.15 -1.60
N ILE A 116 5.74 6.39 -2.35
CA ILE A 116 7.02 6.90 -2.86
C ILE A 116 6.83 8.14 -3.76
N ALA A 117 5.64 8.32 -4.35
CA ALA A 117 5.40 9.46 -5.25
C ALA A 117 5.62 10.81 -4.58
N VAL A 118 5.53 10.86 -3.25
CA VAL A 118 5.82 12.11 -2.55
C VAL A 118 7.29 12.55 -2.63
N THR A 119 8.20 11.65 -3.02
CA THR A 119 9.64 11.94 -3.07
C THR A 119 10.11 12.40 -4.44
N TRP A 120 9.28 12.23 -5.47
CA TRP A 120 9.70 12.60 -6.82
C TRP A 120 9.57 14.11 -7.02
N PRO A 121 10.35 14.67 -7.95
CA PRO A 121 10.37 16.14 -8.10
C PRO A 121 9.01 16.79 -8.43
N ASP A 122 8.14 16.10 -9.18
CA ASP A 122 6.81 16.68 -9.52
C ASP A 122 5.67 16.33 -8.52
N ALA A 123 6.02 15.88 -7.32
CA ALA A 123 5.02 15.37 -6.36
C ALA A 123 3.84 16.34 -6.13
N ASP A 124 4.17 17.61 -5.88
CA ASP A 124 3.14 18.62 -5.58
C ASP A 124 2.25 18.99 -6.78
N ARG A 125 2.57 18.54 -8.00
CA ARG A 125 1.65 18.60 -9.16
C ARG A 125 0.99 17.24 -9.52
N ASP A 126 1.67 16.12 -9.25
CA ASP A 126 1.12 14.77 -9.50
C ASP A 126 -0.08 14.49 -8.56
N PRO A 127 -1.24 14.05 -9.11
CA PRO A 127 -2.40 13.78 -8.26
C PRO A 127 -2.14 12.78 -7.12
N ILE A 128 -1.35 11.76 -7.40
CA ILE A 128 -1.03 10.72 -6.41
C ILE A 128 -0.10 11.31 -5.35
N GLY A 129 0.92 12.01 -5.81
CA GLY A 129 1.86 12.70 -4.93
C GLY A 129 1.14 13.69 -4.02
N ARG A 130 0.32 14.54 -4.64
CA ARG A 130 -0.48 15.53 -3.91
C ARG A 130 -1.38 14.91 -2.86
N MET A 131 -2.05 13.82 -3.22
CA MET A 131 -2.97 13.15 -2.30
C MET A 131 -2.26 12.71 -1.01
N HIS A 132 -1.05 12.18 -1.14
CA HIS A 132 -0.29 11.70 0.00
C HIS A 132 0.38 12.83 0.78
N LEU A 133 0.86 13.85 0.05
CA LEU A 133 1.40 15.04 0.68
C LEU A 133 0.36 15.78 1.51
N ALA A 134 -0.90 15.76 1.07
CA ALA A 134 -2.00 16.37 1.84
C ALA A 134 -2.28 15.68 3.17
N VAL A 135 -1.72 14.49 3.40
CA VAL A 135 -1.77 13.85 4.71
C VAL A 135 -0.43 13.92 5.45
N GLU A 136 0.68 13.69 4.76
CA GLU A 136 2.02 13.84 5.37
C GLU A 136 2.26 15.21 6.02
N ARG A 137 1.93 16.27 5.31
CA ARG A 137 2.24 17.63 5.78
C ARG A 137 1.51 17.98 7.07
N PRO A 138 0.18 17.79 7.14
CA PRO A 138 -0.47 18.04 8.45
C PRO A 138 0.03 17.17 9.62
N ILE A 139 0.41 15.92 9.34
N ILE A 139 0.41 15.92 9.34
CA ILE A 139 1.04 15.09 10.36
CA ILE A 139 1.03 15.11 10.39
C ILE A 139 2.38 15.69 10.81
C ILE A 139 2.40 15.67 10.82
N GLU A 140 3.21 16.09 9.85
CA GLU A 140 4.50 16.79 10.11
C GLU A 140 4.35 18.05 10.97
N GLU A 141 3.25 18.78 10.77
CA GLU A 141 2.96 20.04 11.48
C GLU A 141 2.25 19.86 12.84
N SER A 142 1.77 18.65 13.16
CA SER A 142 0.87 18.40 14.29
C SER A 142 1.53 18.30 15.66
N GLY A 143 2.82 17.96 15.70
CA GLY A 143 3.51 17.64 16.96
C GLY A 143 3.46 16.15 17.32
N LEU A 144 2.67 15.35 16.61
CA LEU A 144 2.61 13.93 16.90
C LEU A 144 3.87 13.28 16.37
N GLY A 145 4.35 12.25 17.07
CA GLY A 145 5.39 11.42 16.53
C GLY A 145 4.88 10.71 15.28
N TRP A 146 5.72 10.57 14.27
CA TRP A 146 5.30 9.90 13.04
C TRP A 146 6.38 9.08 12.40
N THR A 147 5.95 8.10 11.62
CA THR A 147 6.78 7.41 10.67
C THR A 147 5.98 7.30 9.38
N PHE A 148 6.63 7.57 8.24
CA PHE A 148 5.99 7.45 6.94
C PHE A 148 6.52 6.23 6.20
N VAL A 149 5.62 5.40 5.67
CA VAL A 149 6.04 4.23 4.90
C VAL A 149 5.62 4.51 3.46
N ARG A 150 6.59 4.54 2.55
CA ARG A 150 6.38 5.09 1.23
C ARG A 150 6.73 4.06 0.17
N PRO A 151 5.82 3.11 -0.09
CA PRO A 151 6.10 2.08 -1.11
C PRO A 151 6.01 2.61 -2.52
N GLU A 152 6.75 1.95 -3.41
CA GLU A 152 6.59 2.10 -4.85
C GLU A 152 5.41 1.18 -5.24
N ALA A 153 5.39 0.60 -6.44
CA ALA A 153 4.19 -0.14 -6.89
C ALA A 153 3.92 -1.34 -6.02
N LEU A 154 2.67 -1.51 -5.65
CA LEU A 154 2.26 -2.67 -4.87
C LEU A 154 2.20 -3.88 -5.79
N ALA A 155 2.79 -4.99 -5.34
CA ALA A 155 2.67 -6.25 -6.03
C ALA A 155 1.21 -6.63 -6.26
N THR A 156 0.36 -6.32 -5.29
CA THR A 156 -1.07 -6.59 -5.42
C THR A 156 -1.72 -5.90 -6.63
N ASN A 157 -1.07 -4.89 -7.24
CA ASN A 157 -1.61 -4.29 -8.48
C ASN A 157 -1.74 -5.33 -9.58
N ALA A 158 -0.91 -6.38 -9.56
CA ALA A 158 -1.03 -7.50 -10.51
C ALA A 158 -2.35 -8.27 -10.47
N LEU A 159 -3.08 -8.18 -9.35
CA LEU A 159 -4.41 -8.78 -9.22
C LEU A 159 -5.40 -8.23 -10.27
N GLY A 160 -5.18 -7.01 -10.78
CA GLY A 160 -6.00 -6.48 -11.89
C GLY A 160 -5.91 -7.29 -13.18
N TRP A 161 -4.84 -8.06 -13.36
CA TRP A 161 -4.70 -9.02 -14.48
C TRP A 161 -5.41 -10.36 -14.29
N ALA A 162 -5.92 -10.64 -13.10
CA ALA A 162 -6.55 -11.93 -12.81
C ALA A 162 -7.61 -12.37 -13.82
N PRO A 163 -8.59 -11.49 -14.16
CA PRO A 163 -9.62 -11.96 -15.10
C PRO A 163 -9.05 -12.47 -16.43
N GLU A 164 -8.08 -11.75 -16.98
CA GLU A 164 -7.45 -12.18 -18.23
C GLU A 164 -6.63 -13.45 -18.02
N ILE A 165 -5.91 -13.58 -16.90
CA ILE A 165 -5.04 -14.74 -16.70
C ILE A 165 -5.83 -16.02 -16.40
N ARG A 166 -6.94 -15.87 -15.68
CA ARG A 166 -7.86 -16.99 -15.42
C ARG A 166 -8.42 -17.61 -16.70
N GLY A 167 -8.69 -16.75 -17.68
CA GLY A 167 -9.40 -17.15 -18.90
C GLY A 167 -8.53 -17.54 -20.07
N GLY A 168 -7.27 -17.12 -20.06
CA GLY A 168 -6.37 -17.41 -21.19
C GLY A 168 -4.91 -17.17 -20.86
N ASP A 169 -4.08 -17.12 -21.89
CA ASP A 169 -2.63 -16.97 -21.70
C ASP A 169 -2.09 -15.62 -22.21
N MET A 170 -2.98 -14.68 -22.53
CA MET A 170 -2.57 -13.35 -23.01
C MET A 170 -3.21 -12.26 -22.15
N VAL A 171 -2.38 -11.32 -21.72
CA VAL A 171 -2.79 -10.15 -20.98
C VAL A 171 -2.49 -8.94 -21.86
N ARG A 172 -3.38 -7.96 -21.86
CA ARG A 172 -3.16 -6.74 -22.65
C ARG A 172 -2.61 -5.62 -21.76
N CYS A 173 -1.39 -5.17 -22.07
CA CYS A 173 -0.65 -4.20 -21.25
C CYS A 173 -0.41 -2.91 -22.07
N ALA A 174 -0.68 -1.74 -21.47
CA ALA A 174 -0.43 -0.45 -22.14
C ALA A 174 1.05 -0.20 -22.47
N TYR A 175 1.94 -0.58 -21.56
CA TYR A 175 3.38 -0.43 -21.70
C TYR A 175 4.06 -1.68 -21.16
N PRO A 176 4.13 -2.72 -22.00
CA PRO A 176 4.74 -3.97 -21.53
C PRO A 176 6.19 -3.83 -21.05
N GLY A 177 6.95 -2.91 -21.64
CA GLY A 177 8.34 -2.66 -21.25
C GLY A 177 8.54 -1.66 -20.12
N ALA A 178 7.45 -1.16 -19.52
CA ALA A 178 7.57 -0.22 -18.42
C ALA A 178 7.97 -0.94 -17.14
N TYR A 179 8.97 -0.35 -16.45
CA TYR A 179 9.50 -0.91 -15.20
C TYR A 179 8.84 -0.31 -13.98
N THR A 180 8.67 -1.16 -12.97
CA THR A 180 8.39 -0.79 -11.60
C THR A 180 9.22 -1.74 -10.76
N THR A 181 9.17 -1.58 -9.43
CA THR A 181 9.91 -2.43 -8.52
C THR A 181 8.94 -2.93 -7.44
N PRO A 182 8.07 -3.86 -7.82
CA PRO A 182 6.89 -4.15 -7.00
C PRO A 182 7.21 -4.71 -5.62
N VAL A 183 6.49 -4.26 -4.62
N VAL A 183 6.47 -4.23 -4.62
CA VAL A 183 6.77 -4.64 -3.26
CA VAL A 183 6.66 -4.54 -3.22
C VAL A 183 5.63 -5.46 -2.67
C VAL A 183 5.59 -5.51 -2.72
N HIS A 184 6.01 -6.51 -1.94
CA HIS A 184 5.08 -7.48 -1.35
C HIS A 184 4.40 -6.80 -0.16
N GLU A 185 3.09 -6.96 -0.06
CA GLU A 185 2.32 -6.38 1.07
C GLU A 185 2.80 -6.83 2.45
N GLU A 186 3.31 -8.06 2.58
CA GLU A 186 3.86 -8.57 3.83
C GLU A 186 5.06 -7.77 4.29
N ASP A 187 5.88 -7.32 3.33
CA ASP A 187 7.02 -6.49 3.65
C ASP A 187 6.58 -5.14 4.18
N ILE A 188 5.55 -4.58 3.56
CA ILE A 188 4.99 -3.30 4.03
C ILE A 188 4.47 -3.44 5.46
N ALA A 189 3.73 -4.50 5.72
CA ALA A 189 3.22 -4.76 7.06
C ALA A 189 4.36 -4.96 8.06
N ASP A 190 5.39 -5.70 7.68
CA ASP A 190 6.60 -5.86 8.53
C ASP A 190 7.27 -4.53 8.87
N VAL A 191 7.36 -3.62 7.92
CA VAL A 191 7.98 -2.32 8.19
C VAL A 191 7.10 -1.50 9.14
N VAL A 192 5.77 -1.51 8.90
CA VAL A 192 4.85 -0.81 9.78
C VAL A 192 4.97 -1.35 11.20
N VAL A 193 4.99 -2.68 11.33
CA VAL A 193 5.09 -3.30 12.65
C VAL A 193 6.39 -2.91 13.36
N ALA A 194 7.51 -2.89 12.63
CA ALA A 194 8.79 -2.44 13.22
C ALA A 194 8.69 -1.01 13.75
N ALA A 195 8.07 -0.14 12.96
CA ALA A 195 7.88 1.26 13.33
C ALA A 195 6.99 1.45 14.57
N LEU A 196 5.99 0.57 14.73
CA LEU A 196 5.09 0.62 15.90
C LEU A 196 5.67 -0.01 17.18
N THR A 197 6.70 -0.86 17.06
CA THR A 197 7.12 -1.68 18.20
C THR A 197 8.57 -1.56 18.60
N THR A 198 9.39 -0.78 17.89
CA THR A 198 10.81 -0.66 18.22
C THR A 198 11.21 0.82 18.15
N PRO A 199 12.24 1.21 18.89
CA PRO A 199 12.68 2.62 18.83
C PRO A 199 13.47 2.96 17.56
N GLY A 200 13.65 4.25 17.34
CA GLY A 200 14.51 4.74 16.27
C GLY A 200 13.82 5.12 14.97
N HIS A 201 12.49 5.08 14.95
CA HIS A 201 11.71 5.29 13.71
C HIS A 201 11.00 6.63 13.67
N ARG A 202 11.22 7.45 14.69
CA ARG A 202 10.50 8.69 14.80
C ARG A 202 11.03 9.70 13.77
N SER A 203 10.12 10.23 12.96
CA SER A 203 10.41 11.10 11.80
C SER A 203 11.16 10.41 10.68
N ALA A 204 11.12 9.09 10.64
CA ALA A 204 11.69 8.33 9.54
C ALA A 204 10.65 8.28 8.43
N ALA A 205 11.11 8.34 7.19
CA ALA A 205 10.28 8.15 6.01
C ALA A 205 10.97 7.09 5.17
N TYR A 206 10.37 5.91 5.09
CA TYR A 206 10.97 4.76 4.44
C TYR A 206 10.42 4.54 3.02
N ALA A 207 11.26 4.80 2.03
CA ALA A 207 10.96 4.48 0.63
C ALA A 207 11.16 2.98 0.41
N LEU A 208 10.08 2.25 0.13
CA LEU A 208 10.13 0.78 0.00
C LEU A 208 10.01 0.39 -1.46
N THR A 209 10.92 -0.49 -1.90
CA THR A 209 10.79 -1.16 -3.16
C THR A 209 10.92 -2.65 -2.96
N GLY A 210 10.45 -3.42 -3.93
CA GLY A 210 10.85 -4.83 -4.01
C GLY A 210 12.35 -4.95 -4.33
N PRO A 211 12.84 -6.21 -4.41
CA PRO A 211 14.27 -6.45 -4.62
C PRO A 211 14.70 -6.41 -6.09
N GLU A 212 13.75 -6.24 -7.02
CA GLU A 212 14.14 -6.30 -8.43
C GLU A 212 13.22 -5.40 -9.23
N THR A 213 13.80 -4.62 -10.13
CA THR A 213 12.99 -3.86 -11.07
C THR A 213 12.62 -4.79 -12.23
N LEU A 214 11.33 -4.78 -12.59
CA LEU A 214 10.75 -5.72 -13.55
C LEU A 214 9.78 -5.00 -14.48
N THR A 215 9.78 -5.36 -15.74
CA THR A 215 8.80 -4.80 -16.65
C THR A 215 7.42 -5.40 -16.40
N GLN A 216 6.40 -4.81 -17.00
CA GLN A 216 5.05 -5.37 -16.89
C GLN A 216 5.01 -6.79 -17.50
N ALA A 217 5.61 -6.94 -18.68
CA ALA A 217 5.71 -8.23 -19.37
C ALA A 217 6.42 -9.30 -18.50
N GLU A 218 7.50 -8.90 -17.84
CA GLU A 218 8.21 -9.82 -16.94
C GLU A 218 7.35 -10.25 -15.77
N GLN A 219 6.59 -9.32 -15.18
CA GLN A 219 5.69 -9.64 -14.09
C GLN A 219 4.62 -10.64 -14.53
N VAL A 220 4.04 -10.40 -15.69
CA VAL A 220 3.05 -11.30 -16.25
C VAL A 220 3.64 -12.72 -16.44
N ALA A 221 4.86 -12.79 -16.96
CA ALA A 221 5.54 -14.08 -17.18
C ALA A 221 5.82 -14.79 -15.84
N LEU A 222 6.16 -14.04 -14.80
CA LEU A 222 6.42 -14.65 -13.50
C LEU A 222 5.13 -15.24 -12.89
N ILE A 223 3.99 -14.62 -13.17
CA ILE A 223 2.71 -15.16 -12.76
C ILE A 223 2.48 -16.48 -13.50
N GLY A 224 2.78 -16.50 -14.78
CA GLY A 224 2.79 -17.72 -15.60
C GLY A 224 3.60 -18.86 -15.00
N GLU A 225 4.83 -18.55 -14.57
CA GLU A 225 5.69 -19.56 -13.94
C GLU A 225 5.09 -20.10 -12.64
N ALA A 226 4.52 -19.24 -11.82
CA ALA A 226 3.81 -19.71 -10.61
C ALA A 226 2.60 -20.61 -10.94
N LEU A 227 1.96 -20.39 -12.08
CA LEU A 227 0.82 -21.19 -12.52
C LEU A 227 1.22 -22.49 -13.21
N GLY A 228 2.45 -22.56 -13.71
CA GLY A 228 2.89 -23.68 -14.52
C GLY A 228 2.43 -23.56 -15.95
N ARG A 229 2.22 -22.32 -16.43
CA ARG A 229 1.92 -22.12 -17.86
C ARG A 229 2.45 -20.78 -18.38
N ALA A 230 2.68 -20.70 -19.68
CA ALA A 230 3.29 -19.51 -20.28
C ALA A 230 2.21 -18.44 -20.50
N VAL A 231 2.28 -17.36 -19.73
CA VAL A 231 1.38 -16.21 -19.91
C VAL A 231 2.20 -15.05 -20.44
N ARG A 232 1.68 -14.37 -21.47
CA ARG A 232 2.39 -13.26 -22.15
C ARG A 232 1.57 -11.95 -22.17
N CYS A 233 2.25 -10.81 -22.22
CA CYS A 233 1.64 -9.51 -22.54
C CYS A 233 1.57 -9.41 -24.05
N GLU A 234 0.52 -8.77 -24.55
CA GLU A 234 0.52 -8.15 -25.88
C GLU A 234 0.26 -6.67 -25.56
N ARG A 235 0.86 -5.76 -26.33
CA ARG A 235 0.62 -4.35 -26.08
C ARG A 235 -0.73 -3.95 -26.59
N MET A 236 -1.43 -3.11 -25.82
CA MET A 236 -2.63 -2.47 -26.35
C MET A 236 -2.29 -1.02 -26.67
N PRO A 237 -2.91 -0.46 -27.74
CA PRO A 237 -2.73 0.95 -28.13
C PRO A 237 -3.22 1.90 -27.05
N GLU A 238 -2.66 3.11 -27.03
CA GLU A 238 -2.90 4.04 -25.92
C GLU A 238 -4.35 4.50 -25.85
N GLN A 239 -4.98 4.65 -27.03
CA GLN A 239 -6.42 4.91 -27.12
C GLN A 239 -7.23 3.89 -26.30
N GLU A 240 -6.93 2.61 -26.50
CA GLU A 240 -7.61 1.51 -25.79
C GLU A 240 -7.27 1.50 -24.29
N ALA A 241 -6.01 1.72 -23.95
CA ALA A 241 -5.57 1.74 -22.54
C ALA A 241 -6.19 2.91 -21.79
N ARG A 242 -6.19 4.08 -22.42
CA ARG A 242 -6.78 5.28 -21.84
C ARG A 242 -8.26 5.04 -21.52
N ALA A 243 -8.98 4.44 -22.46
CA ALA A 243 -10.40 4.10 -22.28
C ALA A 243 -10.62 3.15 -21.09
N VAL A 244 -9.83 2.08 -21.00
CA VAL A 244 -9.93 1.13 -19.88
C VAL A 244 -9.67 1.84 -18.54
N LEU A 245 -8.59 2.63 -18.47
CA LEU A 245 -8.24 3.36 -17.24
C LEU A 245 -9.20 4.50 -16.87
N GLU A 246 -9.81 5.15 -17.86
CA GLU A 246 -10.85 6.16 -17.61
C GLU A 246 -12.13 5.60 -16.94
N GLY A 247 -12.35 4.29 -17.06
CA GLY A 247 -13.42 3.61 -16.33
C GLY A 247 -13.06 3.22 -14.89
N LEU A 248 -11.78 3.30 -14.54
CA LEU A 248 -11.26 2.86 -13.24
C LEU A 248 -10.74 4.00 -12.33
N TYR A 249 -10.47 5.18 -12.89
CA TYR A 249 -9.75 6.25 -12.18
C TYR A 249 -10.16 7.58 -12.75
N PRO A 250 -10.07 8.67 -11.95
CA PRO A 250 -10.34 10.01 -12.50
C PRO A 250 -9.33 10.46 -13.58
N ALA A 251 -9.76 11.41 -14.39
CA ALA A 251 -9.01 11.86 -15.58
C ALA A 251 -7.55 12.20 -15.29
N GLU A 252 -7.33 13.05 -14.27
CA GLU A 252 -5.99 13.47 -13.85
C GLU A 252 -5.11 12.29 -13.47
N VAL A 253 -5.70 11.27 -12.85
CA VAL A 253 -4.96 10.08 -12.40
C VAL A 253 -4.58 9.16 -13.58
N VAL A 254 -5.46 9.02 -14.57
CA VAL A 254 -5.14 8.27 -15.78
C VAL A 254 -3.93 8.91 -16.49
N ASP A 255 -3.96 10.24 -16.66
CA ASP A 255 -2.84 10.96 -17.26
C ASP A 255 -1.53 10.70 -16.52
N ALA A 256 -1.56 10.73 -15.20
CA ALA A 256 -0.34 10.47 -14.41
C ALA A 256 0.15 9.02 -14.54
N ILE A 257 -0.79 8.07 -14.51
CA ILE A 257 -0.44 6.67 -14.66
C ILE A 257 0.28 6.46 -15.99
N LEU A 258 -0.36 6.85 -17.08
CA LEU A 258 0.22 6.66 -18.41
C LEU A 258 1.54 7.41 -18.59
N ALA A 259 1.59 8.66 -18.15
CA ALA A 259 2.83 9.45 -18.20
C ALA A 259 3.94 8.77 -17.37
N GLY A 260 3.60 8.32 -16.17
CA GLY A 260 4.52 7.54 -15.33
C GLY A 260 5.07 6.29 -16.00
N GLN A 261 4.19 5.55 -16.67
CA GLN A 261 4.59 4.34 -17.38
C GLN A 261 5.42 4.64 -18.64
N ALA A 262 5.05 5.67 -19.39
CA ALA A 262 5.84 6.08 -20.56
C ALA A 262 7.27 6.49 -20.16
N ALA A 263 7.39 7.22 -19.06
CA ALA A 263 8.69 7.64 -18.53
C ALA A 263 9.56 6.47 -18.03
N ARG A 264 8.95 5.35 -17.65
CA ARG A 264 9.67 4.13 -17.21
C ARG A 264 9.77 3.05 -18.31
N ASP A 265 9.27 3.36 -19.51
CA ASP A 265 9.33 2.46 -20.67
C ASP A 265 10.79 2.27 -21.13
N GLY A 266 11.31 1.06 -20.92
CA GLY A 266 12.71 0.75 -21.18
C GLY A 266 13.71 1.42 -20.25
N ARG A 267 13.26 1.94 -19.10
CA ARG A 267 14.14 2.63 -18.14
C ARG A 267 14.01 1.94 -16.77
N PRO A 268 14.95 1.01 -16.46
CA PRO A 268 14.95 0.30 -15.16
C PRO A 268 14.73 1.25 -13.99
N ALA A 269 13.84 0.89 -13.07
CA ALA A 269 13.52 1.72 -11.91
C ALA A 269 14.50 1.45 -10.76
N GLU A 270 14.56 2.37 -9.81
CA GLU A 270 15.48 2.23 -8.68
C GLU A 270 15.07 1.08 -7.74
N VAL A 271 16.07 0.34 -7.28
CA VAL A 271 15.90 -0.70 -6.27
C VAL A 271 16.59 -0.23 -5.01
N LEU A 272 15.83 -0.17 -3.94
CA LEU A 272 16.31 0.35 -2.65
C LEU A 272 16.41 -0.81 -1.68
N ASP A 273 17.37 -0.72 -0.74
CA ASP A 273 17.54 -1.77 0.25
C ASP A 273 16.77 -1.51 1.58
N THR A 274 15.78 -0.63 1.55
CA THR A 274 15.15 -0.13 2.76
C THR A 274 14.47 -1.21 3.61
N ILE A 275 13.85 -2.20 2.97
CA ILE A 275 13.13 -3.25 3.70
C ILE A 275 14.13 -4.00 4.59
N ARG A 276 15.26 -4.43 4.00
CA ARG A 276 16.32 -5.14 4.74
C ARG A 276 16.90 -4.31 5.84
N ALA A 277 17.15 -3.03 5.57
CA ALA A 277 17.62 -2.13 6.58
C ALA A 277 16.71 -2.01 7.82
N VAL A 278 15.40 -1.98 7.61
CA VAL A 278 14.46 -1.82 8.72
C VAL A 278 14.20 -3.15 9.43
N THR A 279 13.90 -4.20 8.67
CA THR A 279 13.48 -5.47 9.22
C THR A 279 14.60 -6.50 9.45
N GLY A 280 15.78 -6.26 8.86
CA GLY A 280 16.87 -7.24 8.89
C GLY A 280 16.73 -8.39 7.91
N ARG A 281 15.63 -8.43 7.14
CA ARG A 281 15.36 -9.48 6.16
C ARG A 281 15.26 -8.85 4.77
N PRO A 282 15.81 -9.52 3.73
CA PRO A 282 15.67 -9.03 2.34
C PRO A 282 14.19 -8.94 1.91
N ALA A 283 13.88 -7.99 1.07
CA ALA A 283 12.55 -7.87 0.51
C ALA A 283 12.10 -9.16 -0.18
N ARG A 284 10.82 -9.51 -0.03
CA ARG A 284 10.24 -10.67 -0.70
C ARG A 284 10.14 -10.41 -2.20
N THR A 285 10.41 -11.43 -3.00
CA THR A 285 10.43 -11.28 -4.46
C THR A 285 9.01 -11.30 -5.02
N PHE A 286 8.88 -10.75 -6.21
CA PHE A 286 7.61 -10.79 -6.91
C PHE A 286 7.24 -12.24 -7.26
N ARG A 287 8.23 -13.06 -7.63
CA ARG A 287 8.03 -14.52 -7.81
CA ARG A 287 7.99 -14.49 -7.85
C ARG A 287 7.39 -15.16 -6.59
N GLU A 288 7.91 -14.84 -5.41
CA GLU A 288 7.33 -15.33 -4.16
C GLU A 288 5.89 -14.85 -4.00
N TRP A 289 5.68 -13.54 -4.23
CA TRP A 289 4.34 -12.94 -4.21
C TRP A 289 3.40 -13.73 -5.11
N ALA A 290 3.81 -13.98 -6.34
CA ALA A 290 2.97 -14.72 -7.30
C ALA A 290 2.62 -16.12 -6.79
N GLY A 291 3.60 -16.81 -6.19
CA GLY A 291 3.34 -18.13 -5.54
C GLY A 291 2.37 -17.98 -4.38
N ASP A 292 2.50 -16.92 -3.58
CA ASP A 292 1.56 -16.68 -2.45
C ASP A 292 0.11 -16.45 -2.90
N HIS A 293 -0.07 -15.81 -4.05
CA HIS A 293 -1.39 -15.42 -4.56
C HIS A 293 -1.83 -16.21 -5.78
N VAL A 294 -1.25 -17.40 -5.98
CA VAL A 294 -1.48 -18.17 -7.19
C VAL A 294 -2.96 -18.52 -7.43
N ALA A 295 -3.70 -18.83 -6.36
CA ALA A 295 -5.13 -19.18 -6.47
C ALA A 295 -5.97 -18.06 -7.10
N ALA A 296 -5.58 -16.80 -6.92
CA ALA A 296 -6.28 -15.69 -7.53
C ALA A 296 -6.29 -15.73 -9.07
N PHE A 297 -5.31 -16.43 -9.66
CA PHE A 297 -5.09 -16.45 -11.10
C PHE A 297 -5.48 -17.73 -11.83
N ARG A 298 -6.00 -18.71 -11.10
CA ARG A 298 -6.51 -19.93 -11.73
C ARG A 298 -8.01 -19.80 -12.03
N PRO A 299 -8.51 -20.43 -13.12
CA PRO A 299 -9.94 -20.36 -13.40
C PRO A 299 -10.80 -21.02 -12.31
N ALA A 300 -12.03 -20.55 -12.15
CA ALA A 300 -12.97 -21.07 -11.15
C ALA A 300 -13.18 -22.59 -11.23
#